data_5Q1J
#
_entry.id   5Q1J
#
_cell.length_a   52.257
_cell.length_b   57.216
_cell.length_c   115.279
_cell.angle_alpha   90.000
_cell.angle_beta   90.000
_cell.angle_gamma   90.000
#
_symmetry.space_group_name_H-M   'P 21 21 21'
#
loop_
_entity.id
_entity.type
_entity.pdbx_description
1 polymer 'DNA cross-link repair 1A protein'
2 non-polymer 'MALONATE ION'
3 non-polymer 'NICKEL (II) ION'
4 non-polymer N-(2-hydroxyphenyl)acetamide
5 water water
#
_entity_poly.entity_id   1
_entity_poly.type   'polypeptide(L)'
_entity_poly.pdbx_seq_one_letter_code
;KKTCPFYKKIPGTGFTVDAFQYGVVEGCTAYFLTHFHSDHYAGLSKHFTFPVYCSEITGNLLKNKLHVQEQYIHPLPLDT
ECIVNGVKVVLLDANHCPGAVMILFYLPNGTVILHTGDFRADPSMERSLLADQKVHMLYLDTTYCSPEYTFPSQQEVIRF
AINTAFEAVTLNPHALVVCGTYSIGKEKVFLAIADVLGSKVGMSQEKYKTLQCLNIPEINSLITTDMCSSLVHLLPMMQI
NFKGLQSHLKKCGGKYNQILAFRPTGWTHSNKFTRIADVIPQTKGNISIYGIPYSEHSSYLEMKRFVQWLKPQKIIPTVN
VGTWKSRSTMEKYFREWKLEAGY
;
_entity_poly.pdbx_strand_id   A
#
loop_
_chem_comp.id
_chem_comp.type
_chem_comp.name
_chem_comp.formula
9KS non-polymer N-(2-hydroxyphenyl)acetamide 'C8 H9 N O2'
MLI non-polymer 'MALONATE ION' 'C3 H2 O4 -2'
NI non-polymer 'NICKEL (II) ION' 'Ni 2'
#
# COMPACT_ATOMS: atom_id res chain seq x y z
N THR A 3 9.50 -7.65 -22.76
CA THR A 3 8.46 -8.74 -22.78
C THR A 3 7.86 -9.02 -21.40
N CYS A 4 6.58 -9.37 -21.40
CA CYS A 4 5.83 -9.55 -20.15
C CYS A 4 6.19 -10.88 -19.46
N PRO A 5 6.58 -10.85 -18.17
CA PRO A 5 7.01 -12.08 -17.49
C PRO A 5 5.84 -13.01 -17.10
N PHE A 6 6.14 -14.29 -16.93
CA PHE A 6 5.13 -15.34 -16.68
C PHE A 6 4.25 -15.06 -15.45
N TYR A 7 4.85 -14.56 -14.38
CA TYR A 7 4.13 -14.29 -13.12
C TYR A 7 3.12 -13.11 -13.18
N LYS A 8 3.07 -12.39 -14.31
CA LYS A 8 2.04 -11.38 -14.55
C LYS A 8 0.93 -11.84 -15.51
N LYS A 9 0.97 -13.10 -15.93
CA LYS A 9 -0.04 -13.67 -16.81
C LYS A 9 -0.94 -14.65 -16.06
N ILE A 10 -2.22 -14.65 -16.40
CA ILE A 10 -3.20 -15.57 -15.78
C ILE A 10 -3.54 -16.66 -16.81
N PRO A 11 -3.13 -17.91 -16.52
CA PRO A 11 -3.28 -18.97 -17.54
C PRO A 11 -4.72 -19.36 -17.79
N GLY A 12 -5.03 -19.78 -19.02
CA GLY A 12 -6.39 -20.10 -19.42
C GLY A 12 -7.31 -18.90 -19.59
N THR A 13 -6.73 -17.70 -19.57
CA THR A 13 -7.47 -16.45 -19.77
C THR A 13 -6.70 -15.55 -20.74
N GLY A 14 -7.36 -14.50 -21.20
CA GLY A 14 -6.66 -13.38 -21.85
C GLY A 14 -6.28 -12.24 -20.90
N PHE A 15 -6.04 -12.54 -19.61
CA PHE A 15 -5.82 -11.47 -18.62
C PHE A 15 -4.36 -11.33 -18.20
N THR A 16 -3.91 -10.08 -18.01
CA THR A 16 -2.65 -9.79 -17.29
C THR A 16 -2.95 -8.95 -16.06
N VAL A 17 -1.99 -8.92 -15.13
CA VAL A 17 -2.11 -8.14 -13.90
C VAL A 17 -0.85 -7.24 -13.76
N ASP A 18 -1.09 -5.93 -13.64
CA ASP A 18 -0.01 -4.93 -13.40
C ASP A 18 1.09 -5.03 -14.47
N ALA A 19 0.64 -5.12 -15.71
CA ALA A 19 1.53 -5.37 -16.86
C ALA A 19 1.39 -4.32 -17.98
N PHE A 20 1.78 -3.08 -17.68
CA PHE A 20 1.55 -1.95 -18.57
C PHE A 20 2.85 -1.42 -19.21
N GLN A 21 4.00 -2.03 -18.89
CA GLN A 21 5.32 -1.50 -19.30
C GLN A 21 5.98 -2.31 -20.44
N TYR A 22 5.22 -3.22 -21.04
CA TYR A 22 5.73 -4.18 -22.02
C TYR A 22 5.15 -3.98 -23.42
N GLY A 23 4.53 -2.83 -23.67
CA GLY A 23 3.78 -2.59 -24.92
C GLY A 23 2.55 -3.47 -25.00
N VAL A 24 2.17 -3.82 -26.23
CA VAL A 24 1.00 -4.67 -26.49
C VAL A 24 1.38 -6.12 -26.17
N VAL A 25 0.73 -6.70 -25.16
CA VAL A 25 1.02 -8.08 -24.75
C VAL A 25 0.17 -9.00 -25.62
N GLU A 26 0.81 -9.91 -26.37
CA GLU A 26 0.10 -10.77 -27.32
C GLU A 26 -0.91 -11.66 -26.59
N GLY A 27 -2.17 -11.56 -27.00
CA GLY A 27 -3.26 -12.36 -26.43
C GLY A 27 -4.01 -11.71 -25.27
N CYS A 28 -3.56 -10.55 -24.78
CA CYS A 28 -4.23 -9.90 -23.67
C CYS A 28 -5.48 -9.11 -24.13
N THR A 29 -6.65 -9.54 -23.67
CA THR A 29 -7.94 -8.88 -23.94
C THR A 29 -8.43 -7.89 -22.84
N ALA A 30 -7.83 -7.99 -21.65
CA ALA A 30 -8.16 -7.11 -20.52
C ALA A 30 -6.94 -7.00 -19.60
N TYR A 31 -6.58 -5.75 -19.24
CA TYR A 31 -5.45 -5.46 -18.36
C TYR A 31 -5.99 -5.06 -16.99
N PHE A 32 -5.71 -5.86 -15.97
CA PHE A 32 -6.12 -5.53 -14.59
C PHE A 32 -5.02 -4.69 -13.92
N LEU A 33 -5.44 -3.70 -13.09
CA LEU A 33 -4.53 -2.89 -12.28
C LEU A 33 -4.95 -3.01 -10.81
N THR A 34 -4.09 -3.60 -9.99
CA THR A 34 -4.45 -3.86 -8.58
C THR A 34 -4.52 -2.57 -7.74
N HIS A 35 -3.64 -1.59 -8.02
CA HIS A 35 -3.57 -0.37 -7.23
C HIS A 35 -2.72 0.71 -7.89
N PHE A 36 -2.91 1.96 -7.46
CA PHE A 36 -2.21 3.12 -8.05
C PHE A 36 -0.86 3.41 -7.39
N HIS A 37 0.10 2.47 -7.51
CA HIS A 37 1.51 2.69 -7.18
C HIS A 37 2.35 2.56 -8.45
N SER A 38 3.36 3.44 -8.59
CA SER A 38 4.05 3.61 -9.88
C SER A 38 4.74 2.36 -10.45
N ASP A 39 5.30 1.50 -9.60
CA ASP A 39 5.95 0.25 -10.11
C ASP A 39 4.92 -0.66 -10.76
N HIS A 40 3.63 -0.54 -10.35
CA HIS A 40 2.53 -1.38 -10.86
C HIS A 40 1.82 -0.77 -12.06
N TYR A 41 1.62 0.55 -12.06
CA TYR A 41 1.06 1.22 -13.24
C TYR A 41 2.08 1.61 -14.32
N ALA A 42 3.39 1.38 -14.07
CA ALA A 42 4.48 1.76 -15.02
C ALA A 42 4.12 1.45 -16.48
N GLY A 43 4.05 2.50 -17.30
CA GLY A 43 3.71 2.40 -18.72
C GLY A 43 2.35 2.98 -19.12
N LEU A 44 1.40 3.01 -18.19
CA LEU A 44 0.09 3.68 -18.43
C LEU A 44 0.28 5.18 -18.60
N SER A 45 -0.48 5.75 -19.53
CA SER A 45 -0.37 7.17 -19.93
C SER A 45 -1.65 7.54 -20.67
N LYS A 46 -1.78 8.80 -21.10
CA LYS A 46 -3.05 9.23 -21.75
C LYS A 46 -3.40 8.56 -23.10
N HIS A 47 -2.43 7.89 -23.74
CA HIS A 47 -2.66 7.28 -25.07
C HIS A 47 -2.91 5.77 -25.04
N PHE A 48 -3.21 5.22 -23.85
CA PHE A 48 -3.53 3.78 -23.71
C PHE A 48 -4.92 3.53 -24.30
N THR A 49 -5.04 2.48 -25.12
CA THR A 49 -6.29 2.20 -25.86
C THR A 49 -6.87 0.78 -25.70
N PHE A 50 -6.57 0.12 -24.58
CA PHE A 50 -7.13 -1.21 -24.25
C PHE A 50 -7.94 -1.11 -22.95
N PRO A 51 -8.85 -2.10 -22.70
CA PRO A 51 -9.64 -2.07 -21.46
C PRO A 51 -8.81 -2.28 -20.20
N VAL A 52 -9.02 -1.41 -19.21
CA VAL A 52 -8.38 -1.51 -17.90
C VAL A 52 -9.45 -1.78 -16.84
N TYR A 53 -9.28 -2.86 -16.06
CA TYR A 53 -10.21 -3.21 -14.97
C TYR A 53 -9.56 -2.94 -13.62
N CYS A 54 -10.32 -2.33 -12.72
CA CYS A 54 -9.76 -1.80 -11.45
C CYS A 54 -10.86 -1.40 -10.49
N SER A 55 -10.50 -0.96 -9.27
CA SER A 55 -11.48 -0.39 -8.35
C SER A 55 -11.95 1.01 -8.79
N GLU A 56 -13.03 1.50 -8.18
CA GLU A 56 -13.52 2.86 -8.45
C GLU A 56 -12.45 3.91 -8.12
N ILE A 57 -11.82 3.77 -6.96
CA ILE A 57 -10.76 4.73 -6.54
C ILE A 57 -9.57 4.75 -7.52
N THR A 58 -9.08 3.57 -7.89
CA THR A 58 -8.02 3.48 -8.91
C THR A 58 -8.45 4.15 -10.21
N GLY A 59 -9.71 3.89 -10.63
CA GLY A 59 -10.26 4.53 -11.83
C GLY A 59 -10.25 6.07 -11.76
N ASN A 60 -10.62 6.62 -10.60
CA ASN A 60 -10.57 8.09 -10.40
C ASN A 60 -9.17 8.64 -10.62
N LEU A 61 -8.16 7.93 -10.11
CA LEU A 61 -6.75 8.35 -10.25
C LEU A 61 -6.22 8.22 -11.70
N LEU A 62 -6.59 7.12 -12.36
CA LEU A 62 -6.25 6.96 -13.80
C LEU A 62 -6.79 8.11 -14.66
N LYS A 63 -8.05 8.46 -14.45
CA LYS A 63 -8.69 9.55 -15.20
C LYS A 63 -8.06 10.91 -14.92
N ASN A 64 -7.93 11.26 -13.65
CA ASN A 64 -7.53 12.63 -13.25
C ASN A 64 -6.02 12.89 -13.18
N LYS A 65 -5.25 11.88 -12.75
CA LYS A 65 -3.79 12.04 -12.60
C LYS A 65 -2.99 11.60 -13.83
N LEU A 66 -3.31 10.45 -14.41
CA LEU A 66 -2.61 9.96 -15.62
C LEU A 66 -3.25 10.33 -16.95
N HIS A 67 -4.50 10.81 -16.88
N HIS A 67 -4.49 10.83 -16.90
CA HIS A 67 -5.33 11.24 -18.01
CA HIS A 67 -5.19 11.33 -18.09
C HIS A 67 -5.67 10.17 -19.04
C HIS A 67 -5.64 10.18 -19.04
N VAL A 68 -5.88 8.97 -18.51
CA VAL A 68 -6.38 7.83 -19.32
C VAL A 68 -7.83 8.16 -19.71
N GLN A 69 -8.21 7.92 -20.96
CA GLN A 69 -9.58 8.25 -21.41
C GLN A 69 -10.63 7.39 -20.75
N GLU A 70 -11.76 8.02 -20.45
CA GLU A 70 -12.89 7.40 -19.73
C GLU A 70 -13.45 6.12 -20.39
N GLN A 71 -13.44 6.09 -21.73
CA GLN A 71 -13.91 4.93 -22.48
C GLN A 71 -13.14 3.61 -22.18
N TYR A 72 -11.90 3.71 -21.71
CA TYR A 72 -11.06 2.52 -21.44
C TYR A 72 -11.00 2.13 -19.96
N ILE A 73 -11.63 2.89 -19.07
CA ILE A 73 -11.60 2.62 -17.63
C ILE A 73 -12.86 1.84 -17.22
N HIS A 74 -12.67 0.64 -16.67
CA HIS A 74 -13.76 -0.25 -16.24
C HIS A 74 -13.71 -0.48 -14.72
N PRO A 75 -14.34 0.42 -13.92
CA PRO A 75 -14.37 0.21 -12.47
C PRO A 75 -15.34 -0.92 -12.07
N LEU A 76 -14.95 -1.74 -11.11
CA LEU A 76 -15.81 -2.80 -10.56
C LEU A 76 -16.01 -2.60 -9.06
N PRO A 77 -17.24 -2.88 -8.56
CA PRO A 77 -17.47 -2.83 -7.12
C PRO A 77 -16.77 -3.98 -6.41
N LEU A 78 -16.49 -3.80 -5.11
CA LEU A 78 -15.89 -4.86 -4.29
C LEU A 78 -16.92 -5.90 -3.87
N ASP A 79 -16.43 -7.09 -3.52
CA ASP A 79 -17.25 -8.14 -2.89
C ASP A 79 -18.44 -8.58 -3.74
N THR A 80 -18.30 -8.48 -5.06
CA THR A 80 -19.39 -8.71 -6.02
C THR A 80 -18.93 -9.59 -7.19
N GLU A 81 -19.65 -10.67 -7.48
CA GLU A 81 -19.35 -11.51 -8.62
C GLU A 81 -19.65 -10.74 -9.92
N CYS A 82 -18.64 -10.60 -10.77
CA CYS A 82 -18.74 -9.88 -12.05
C CYS A 82 -18.23 -10.79 -13.18
N ILE A 83 -18.83 -10.72 -14.37
CA ILE A 83 -18.30 -11.47 -15.54
C ILE A 83 -17.55 -10.49 -16.45
N VAL A 84 -16.29 -10.82 -16.72
CA VAL A 84 -15.41 -10.05 -17.59
C VAL A 84 -14.92 -10.95 -18.71
N ASN A 85 -15.24 -10.58 -19.97
CA ASN A 85 -14.86 -11.40 -21.14
C ASN A 85 -15.11 -12.90 -20.90
N GLY A 86 -16.30 -13.20 -20.39
CA GLY A 86 -16.73 -14.58 -20.16
C GLY A 86 -16.18 -15.33 -18.95
N VAL A 87 -15.50 -14.62 -18.04
CA VAL A 87 -14.87 -15.22 -16.85
C VAL A 87 -15.37 -14.52 -15.58
N LYS A 88 -15.80 -15.31 -14.60
CA LYS A 88 -16.24 -14.76 -13.29
C LYS A 88 -15.02 -14.27 -12.47
N VAL A 89 -15.09 -13.02 -11.98
CA VAL A 89 -14.04 -12.40 -11.15
C VAL A 89 -14.69 -11.70 -9.94
N VAL A 90 -13.92 -11.59 -8.86
CA VAL A 90 -14.30 -10.80 -7.67
C VAL A 90 -13.10 -9.93 -7.25
N LEU A 91 -13.35 -8.67 -6.91
CA LEU A 91 -12.36 -7.80 -6.27
C LEU A 91 -12.58 -7.74 -4.76
N LEU A 92 -11.50 -7.88 -4.00
CA LEU A 92 -11.51 -7.87 -2.52
C LEU A 92 -10.57 -6.77 -2.01
N ASP A 93 -10.92 -6.13 -0.89
CA ASP A 93 -10.03 -5.12 -0.32
C ASP A 93 -8.67 -5.77 0.09
N ALA A 94 -7.56 -5.15 -0.32
CA ALA A 94 -6.21 -5.68 -0.04
C ALA A 94 -5.59 -5.15 1.27
N ASN A 95 -6.25 -4.23 1.96
CA ASN A 95 -5.65 -3.62 3.18
C ASN A 95 -4.24 -3.09 2.88
N HIS A 96 -4.11 -2.38 1.73
CA HIS A 96 -2.83 -1.76 1.29
C HIS A 96 -3.07 -0.24 1.31
N CYS A 97 -3.04 0.43 0.17
CA CYS A 97 -3.36 1.86 0.03
C CYS A 97 -4.81 2.02 -0.45
N PRO A 98 -5.33 3.28 -0.48
CA PRO A 98 -6.71 3.43 -0.95
C PRO A 98 -6.93 2.91 -2.39
N GLY A 99 -8.03 2.16 -2.60
CA GLY A 99 -8.35 1.57 -3.90
C GLY A 99 -7.66 0.25 -4.24
N ALA A 100 -6.74 -0.22 -3.38
CA ALA A 100 -5.99 -1.45 -3.66
C ALA A 100 -6.86 -2.68 -3.48
N VAL A 101 -6.74 -3.61 -4.44
CA VAL A 101 -7.52 -4.85 -4.43
C VAL A 101 -6.68 -6.10 -4.64
N MET A 102 -7.24 -7.22 -4.16
CA MET A 102 -6.89 -8.60 -4.56
C MET A 102 -7.94 -9.03 -5.58
N ILE A 103 -7.57 -9.95 -6.48
CA ILE A 103 -8.48 -10.40 -7.54
C ILE A 103 -8.62 -11.93 -7.47
N LEU A 104 -9.88 -12.41 -7.37
CA LEU A 104 -10.22 -13.83 -7.45
C LEU A 104 -10.69 -14.14 -8.88
N PHE A 105 -10.06 -15.12 -9.53
CA PHE A 105 -10.42 -15.52 -10.90
C PHE A 105 -10.96 -16.95 -10.87
N TYR A 106 -12.17 -17.14 -11.40
CA TYR A 106 -12.80 -18.48 -11.47
C TYR A 106 -12.62 -18.97 -12.92
N LEU A 107 -11.60 -19.78 -13.19
CA LEU A 107 -11.25 -20.15 -14.59
C LEU A 107 -12.29 -21.07 -15.22
N PRO A 108 -12.41 -21.03 -16.57
CA PRO A 108 -13.38 -21.93 -17.19
C PRO A 108 -13.19 -23.42 -16.86
N ASN A 109 -11.96 -23.88 -16.65
CA ASN A 109 -11.70 -25.30 -16.34
C ASN A 109 -11.95 -25.74 -14.87
N GLY A 110 -12.37 -24.84 -13.98
CA GLY A 110 -12.65 -25.17 -12.57
C GLY A 110 -11.56 -24.74 -11.58
N THR A 111 -10.43 -24.31 -12.10
CA THR A 111 -9.32 -23.79 -11.28
C THR A 111 -9.73 -22.41 -10.69
N VAL A 112 -9.27 -22.12 -9.47
CA VAL A 112 -9.54 -20.82 -8.80
C VAL A 112 -8.17 -20.25 -8.42
N ILE A 113 -7.94 -19.00 -8.86
CA ILE A 113 -6.69 -18.27 -8.63
C ILE A 113 -6.95 -17.00 -7.80
N LEU A 114 -6.16 -16.79 -6.74
CA LEU A 114 -6.15 -15.51 -6.03
C LEU A 114 -4.84 -14.78 -6.30
N HIS A 115 -4.97 -13.54 -6.79
CA HIS A 115 -3.85 -12.61 -6.95
C HIS A 115 -3.95 -11.55 -5.87
N THR A 116 -2.98 -11.49 -4.94
CA THR A 116 -3.10 -10.58 -3.80
C THR A 116 -2.79 -9.12 -4.14
N GLY A 117 -2.24 -8.84 -5.32
CA GLY A 117 -1.63 -7.52 -5.55
C GLY A 117 -0.62 -7.27 -4.44
N ASP A 118 -0.50 -6.02 -4.01
CA ASP A 118 0.17 -5.70 -2.74
C ASP A 118 -0.90 -5.78 -1.63
N PHE A 119 -0.57 -6.39 -0.50
CA PHE A 119 -1.55 -6.51 0.62
C PHE A 119 -0.86 -6.54 1.97
N ARG A 120 -1.62 -6.18 3.02
CA ARG A 120 -1.23 -6.45 4.40
C ARG A 120 -2.27 -7.46 4.97
N ALA A 121 -1.88 -8.73 5.01
CA ALA A 121 -2.75 -9.80 5.46
C ALA A 121 -3.34 -9.48 6.83
N ASP A 122 -4.62 -9.84 7.00
CA ASP A 122 -5.32 -9.63 8.27
C ASP A 122 -6.29 -10.79 8.53
N PRO A 123 -6.51 -11.16 9.82
CA PRO A 123 -7.50 -12.22 10.11
C PRO A 123 -8.91 -11.95 9.55
N SER A 124 -9.31 -10.68 9.39
CA SER A 124 -10.61 -10.35 8.80
C SER A 124 -10.81 -10.91 7.38
N MET A 125 -9.72 -11.14 6.64
CA MET A 125 -9.77 -11.78 5.31
C MET A 125 -10.23 -13.25 5.34
N GLU A 126 -10.13 -13.87 6.51
CA GLU A 126 -10.61 -15.23 6.71
C GLU A 126 -12.17 -15.29 6.73
N ARG A 127 -12.85 -14.13 6.79
CA ARG A 127 -14.34 -14.02 6.68
C ARG A 127 -14.85 -13.18 5.51
N SER A 128 -14.03 -13.09 4.48
CA SER A 128 -14.45 -12.52 3.21
C SER A 128 -15.08 -13.67 2.40
N LEU A 129 -15.40 -13.37 1.14
CA LEU A 129 -15.75 -14.38 0.14
C LEU A 129 -14.69 -15.48 -0.06
N LEU A 130 -13.45 -15.27 0.42
CA LEU A 130 -12.45 -16.36 0.45
C LEU A 130 -12.82 -17.59 1.28
N ALA A 131 -13.71 -17.43 2.26
CA ALA A 131 -14.06 -18.52 3.19
C ALA A 131 -14.63 -19.76 2.50
N ASP A 132 -15.46 -19.52 1.49
CA ASP A 132 -16.19 -20.58 0.77
C ASP A 132 -15.31 -21.68 0.19
N GLN A 133 -14.58 -21.33 -0.86
CA GLN A 133 -14.07 -22.32 -1.79
C GLN A 133 -12.56 -22.41 -1.77
N LYS A 134 -12.11 -23.48 -2.40
CA LYS A 134 -10.73 -23.83 -2.52
C LYS A 134 -10.01 -22.90 -3.50
N VAL A 135 -8.75 -22.57 -3.20
CA VAL A 135 -7.88 -21.79 -4.10
C VAL A 135 -6.71 -22.68 -4.55
N HIS A 136 -6.53 -22.85 -5.85
CA HIS A 136 -5.50 -23.75 -6.40
C HIS A 136 -4.15 -23.04 -6.56
N MET A 137 -4.18 -21.77 -6.98
CA MET A 137 -2.95 -20.99 -7.18
C MET A 137 -3.04 -19.63 -6.51
N LEU A 138 -1.98 -19.26 -5.79
CA LEU A 138 -1.86 -17.97 -5.07
C LEU A 138 -0.68 -17.17 -5.61
N TYR A 139 -0.96 -15.99 -6.19
CA TYR A 139 0.10 -15.07 -6.63
C TYR A 139 0.28 -14.08 -5.46
N LEU A 140 1.41 -14.21 -4.75
CA LEU A 140 1.59 -13.66 -3.39
C LEU A 140 2.56 -12.49 -3.28
N ASP A 141 2.11 -11.40 -2.64
CA ASP A 141 3.01 -10.28 -2.24
C ASP A 141 3.95 -10.76 -1.14
N THR A 142 5.18 -11.10 -1.54
CA THR A 142 6.23 -11.63 -0.67
C THR A 142 7.27 -10.56 -0.22
N THR A 143 6.87 -9.27 -0.20
CA THR A 143 7.80 -8.18 0.13
C THR A 143 8.63 -8.49 1.38
N TYR A 144 7.96 -8.91 2.46
CA TYR A 144 8.62 -9.18 3.74
C TYR A 144 8.57 -10.67 4.18
N CYS A 145 8.84 -11.55 3.20
CA CYS A 145 8.85 -13.00 3.46
C CYS A 145 10.20 -13.50 4.06
N SER A 146 10.49 -13.07 5.29
CA SER A 146 11.64 -13.55 6.09
C SER A 146 11.40 -13.19 7.56
N PRO A 147 11.75 -14.07 8.52
CA PRO A 147 11.33 -13.83 9.91
C PRO A 147 11.90 -12.59 10.60
N GLU A 148 12.98 -12.02 10.06
CA GLU A 148 13.52 -10.75 10.60
C GLU A 148 12.59 -9.56 10.40
N TYR A 149 11.63 -9.67 9.47
CA TYR A 149 10.74 -8.57 9.19
C TYR A 149 9.58 -8.54 10.19
N THR A 150 9.80 -7.73 11.23
CA THR A 150 8.83 -7.48 12.28
C THR A 150 8.57 -5.96 12.32
N PHE A 151 7.36 -5.60 12.67
CA PHE A 151 6.96 -4.20 12.90
C PHE A 151 5.61 -4.21 13.66
N PRO A 152 5.23 -3.09 14.30
CA PRO A 152 3.98 -3.06 15.10
C PRO A 152 2.70 -2.98 14.27
N SER A 153 1.56 -3.05 14.95
CA SER A 153 0.29 -2.82 14.27
C SER A 153 0.22 -1.35 13.82
N GLN A 154 -0.58 -1.09 12.80
CA GLN A 154 -0.82 0.30 12.38
C GLN A 154 -1.42 1.13 13.54
N GLN A 155 -2.33 0.52 14.33
CA GLN A 155 -2.95 1.21 15.48
C GLN A 155 -1.90 1.68 16.50
N GLU A 156 -0.95 0.81 16.85
CA GLU A 156 0.17 1.16 17.77
C GLU A 156 1.03 2.32 17.26
N VAL A 157 1.34 2.30 15.96
CA VAL A 157 2.16 3.34 15.35
C VAL A 157 1.43 4.69 15.35
N ILE A 158 0.14 4.68 15.04
CA ILE A 158 -0.67 5.90 15.06
C ILE A 158 -0.81 6.45 16.49
N ARG A 159 -0.99 5.57 17.48
CA ARG A 159 -1.01 6.03 18.88
C ARG A 159 0.28 6.80 19.23
N PHE A 160 1.43 6.24 18.86
CA PHE A 160 2.72 6.92 19.08
C PHE A 160 2.80 8.29 18.40
N ALA A 161 2.40 8.35 17.13
CA ALA A 161 2.41 9.62 16.39
C ALA A 161 1.50 10.70 17.01
N ILE A 162 0.25 10.33 17.32
CA ILE A 162 -0.72 11.27 17.94
C ILE A 162 -0.15 11.81 19.26
N ASN A 163 0.33 10.90 20.10
CA ASN A 163 0.79 11.28 21.47
C ASN A 163 2.04 12.18 21.38
N THR A 164 2.97 11.84 20.49
CA THR A 164 4.18 12.64 20.25
C THR A 164 3.85 14.06 19.76
N ALA A 165 2.95 14.16 18.77
CA ALA A 165 2.57 15.46 18.22
C ALA A 165 1.80 16.34 19.23
N PHE A 166 0.82 15.74 19.92
CA PHE A 166 0.02 16.48 20.89
C PHE A 166 0.89 17.01 22.02
N GLU A 167 1.79 16.17 22.53
CA GLU A 167 2.71 16.63 23.59
C GLU A 167 3.56 17.82 23.13
N ALA A 168 4.17 17.70 21.96
CA ALA A 168 5.10 18.74 21.48
C ALA A 168 4.42 20.10 21.27
N VAL A 169 3.23 20.08 20.69
CA VAL A 169 2.51 21.32 20.34
C VAL A 169 1.82 21.92 21.59
N THR A 170 1.44 21.08 22.55
CA THR A 170 0.90 21.60 23.82
C THR A 170 2.03 22.27 24.64
N LEU A 171 3.23 21.69 24.63
CA LEU A 171 4.40 22.37 25.25
C LEU A 171 4.78 23.68 24.52
N ASN A 172 4.80 23.64 23.18
CA ASN A 172 5.11 24.81 22.34
C ASN A 172 4.06 25.05 21.26
N PRO A 173 3.04 25.92 21.54
CA PRO A 173 2.02 26.24 20.53
C PRO A 173 2.54 26.86 19.21
N HIS A 174 3.78 27.34 19.21
CA HIS A 174 4.44 27.81 17.97
C HIS A 174 5.28 26.76 17.21
N ALA A 175 5.10 25.48 17.53
CA ALA A 175 5.68 24.37 16.74
C ALA A 175 4.77 24.00 15.54
N LEU A 176 5.42 23.79 14.39
CA LEU A 176 4.76 23.26 13.18
C LEU A 176 5.03 21.76 13.08
N VAL A 177 4.01 20.99 12.68
CA VAL A 177 4.19 19.57 12.36
C VAL A 177 4.22 19.38 10.84
N VAL A 178 5.21 18.61 10.36
CA VAL A 178 5.37 18.29 8.91
C VAL A 178 5.39 16.77 8.72
N CYS A 179 4.67 16.28 7.71
N CYS A 179 4.64 16.27 7.74
CA CYS A 179 4.64 14.85 7.36
CA CYS A 179 4.67 14.84 7.37
C CYS A 179 5.04 14.62 5.89
C CYS A 179 5.17 14.74 5.93
N GLY A 180 5.99 13.73 5.66
CA GLY A 180 6.45 13.39 4.30
C GLY A 180 5.53 12.42 3.56
N THR A 181 5.42 12.58 2.24
CA THR A 181 4.66 11.66 1.35
C THR A 181 5.35 11.55 -0.04
N TYR A 182 5.24 10.40 -0.72
CA TYR A 182 5.70 10.28 -2.15
C TYR A 182 4.82 9.42 -3.08
N SER A 183 3.67 9.04 -2.56
CA SER A 183 2.71 8.14 -3.18
C SER A 183 1.41 8.19 -2.35
N ILE A 184 0.35 7.57 -2.85
CA ILE A 184 -0.82 7.32 -2.00
C ILE A 184 -0.51 6.19 -1.00
N GLY A 185 -1.34 6.09 0.02
CA GLY A 185 -1.12 5.21 1.16
C GLY A 185 -0.66 5.96 2.41
N LYS A 186 -0.96 5.39 3.57
CA LYS A 186 -0.48 5.88 4.88
C LYS A 186 -1.08 7.25 5.26
N GLU A 187 -2.22 7.59 4.66
CA GLU A 187 -2.90 8.87 4.92
C GLU A 187 -3.30 9.00 6.41
N LYS A 188 -3.57 7.86 7.09
CA LYS A 188 -3.92 7.91 8.52
C LYS A 188 -2.88 8.67 9.37
N VAL A 189 -1.60 8.60 8.99
CA VAL A 189 -0.55 9.28 9.78
C VAL A 189 -0.87 10.79 9.90
N PHE A 190 -1.03 11.47 8.77
CA PHE A 190 -1.25 12.92 8.80
C PHE A 190 -2.69 13.28 9.22
N LEU A 191 -3.66 12.46 8.84
CA LEU A 191 -5.05 12.72 9.24
C LEU A 191 -5.25 12.62 10.77
N ALA A 192 -4.66 11.60 11.39
CA ALA A 192 -4.80 11.42 12.84
C ALA A 192 -4.10 12.53 13.63
N ILE A 193 -2.90 12.90 13.19
CA ILE A 193 -2.20 14.01 13.86
C ILE A 193 -3.00 15.32 13.74
N ALA A 194 -3.46 15.66 12.53
CA ALA A 194 -4.22 16.92 12.37
C ALA A 194 -5.49 16.92 13.21
N ASP A 195 -6.17 15.77 13.27
CA ASP A 195 -7.40 15.66 14.10
C ASP A 195 -7.13 15.99 15.59
N VAL A 196 -6.05 15.45 16.16
CA VAL A 196 -5.75 15.70 17.58
C VAL A 196 -5.37 17.16 17.84
N LEU A 197 -4.78 17.83 16.83
CA LEU A 197 -4.38 19.23 16.92
C LEU A 197 -5.47 20.23 16.51
N GLY A 198 -6.64 19.76 16.11
CA GLY A 198 -7.73 20.66 15.73
C GLY A 198 -7.47 21.48 14.48
N SER A 199 -6.81 20.86 13.51
CA SER A 199 -6.35 21.53 12.31
C SER A 199 -6.71 20.75 11.04
N LYS A 200 -6.87 21.48 9.93
CA LYS A 200 -6.84 20.84 8.60
C LYS A 200 -5.37 20.59 8.23
N VAL A 201 -5.18 19.67 7.29
CA VAL A 201 -3.88 19.36 6.72
C VAL A 201 -3.64 20.23 5.48
N GLY A 202 -2.57 21.01 5.46
CA GLY A 202 -2.18 21.87 4.32
C GLY A 202 -1.20 21.19 3.37
N MET A 203 -1.38 21.43 2.06
CA MET A 203 -0.58 20.74 1.04
C MET A 203 -0.64 21.47 -0.29
N SER A 204 0.25 21.07 -1.21
CA SER A 204 0.23 21.55 -2.61
C SER A 204 -1.08 21.25 -3.34
N GLN A 205 -1.31 22.00 -4.42
CA GLN A 205 -2.45 21.72 -5.32
C GLN A 205 -2.40 20.31 -5.90
N GLU A 206 -1.20 19.86 -6.26
CA GLU A 206 -1.00 18.52 -6.83
C GLU A 206 -1.39 17.40 -5.85
N LYS A 207 -0.95 17.52 -4.59
CA LYS A 207 -1.32 16.51 -3.58
C LYS A 207 -2.82 16.59 -3.20
N TYR A 208 -3.36 17.81 -3.11
CA TYR A 208 -4.80 18.00 -2.86
C TYR A 208 -5.63 17.26 -3.92
N LYS A 209 -5.26 17.43 -5.20
CA LYS A 209 -5.90 16.73 -6.33
C LYS A 209 -5.93 15.22 -6.10
N THR A 210 -4.77 14.68 -5.74
CA THR A 210 -4.64 13.23 -5.49
C THR A 210 -5.62 12.78 -4.39
N LEU A 211 -5.63 13.48 -3.26
CA LEU A 211 -6.49 13.10 -2.13
C LEU A 211 -7.98 13.22 -2.45
N GLN A 212 -8.33 14.20 -3.28
CA GLN A 212 -9.73 14.36 -3.73
C GLN A 212 -10.28 13.18 -4.57
N CYS A 213 -9.41 12.32 -5.08
CA CYS A 213 -9.77 11.07 -5.80
C CYS A 213 -10.07 9.80 -4.94
N LEU A 214 -9.89 9.89 -3.63
CA LEU A 214 -9.82 8.68 -2.77
C LEU A 214 -11.09 8.26 -1.99
N ASN A 215 -12.22 8.94 -2.24
CA ASN A 215 -13.50 8.67 -1.54
C ASN A 215 -13.41 8.58 0.01
N ILE A 216 -12.59 9.45 0.60
CA ILE A 216 -12.47 9.52 2.05
C ILE A 216 -13.65 10.32 2.55
N PRO A 217 -14.43 9.75 3.51
CA PRO A 217 -15.60 10.50 4.01
C PRO A 217 -15.24 11.85 4.64
N GLU A 218 -16.08 12.85 4.34
CA GLU A 218 -15.92 14.22 4.84
C GLU A 218 -14.54 14.85 4.52
N ILE A 219 -13.91 14.48 3.41
CA ILE A 219 -12.56 14.96 3.06
C ILE A 219 -12.45 16.48 3.01
N ASN A 220 -13.49 17.18 2.54
CA ASN A 220 -13.45 18.65 2.46
C ASN A 220 -13.26 19.33 3.82
N SER A 221 -13.74 18.68 4.89
CA SER A 221 -13.51 19.12 6.26
C SER A 221 -12.10 18.86 6.81
N LEU A 222 -11.29 18.06 6.13
CA LEU A 222 -9.99 17.59 6.67
C LEU A 222 -8.71 18.16 6.03
N ILE A 223 -8.78 18.60 4.78
CA ILE A 223 -7.61 19.06 3.99
C ILE A 223 -7.83 20.43 3.32
N THR A 224 -6.72 21.08 2.97
CA THR A 224 -6.75 22.43 2.40
C THR A 224 -5.49 22.76 1.60
N THR A 225 -5.60 23.68 0.63
CA THR A 225 -4.43 24.25 -0.03
C THR A 225 -3.94 25.54 0.63
N ASP A 226 -4.66 26.03 1.64
CA ASP A 226 -4.28 27.26 2.35
C ASP A 226 -3.29 26.91 3.46
N MET A 227 -2.00 26.99 3.14
CA MET A 227 -0.93 26.58 4.07
C MET A 227 -0.96 27.42 5.36
N CYS A 228 -1.27 28.71 5.22
CA CYS A 228 -1.32 29.66 6.36
C CYS A 228 -2.33 29.28 7.44
N SER A 229 -3.46 28.70 7.03
CA SER A 229 -4.53 28.30 7.94
C SER A 229 -4.23 27.01 8.75
N SER A 230 -3.19 26.27 8.34
CA SER A 230 -2.94 24.90 8.79
C SER A 230 -1.66 24.81 9.64
N LEU A 231 -1.66 23.98 10.69
CA LEU A 231 -0.44 23.73 11.47
C LEU A 231 0.08 22.30 11.34
N VAL A 232 -0.46 21.56 10.37
CA VAL A 232 0.12 20.29 9.89
C VAL A 232 0.29 20.43 8.39
N HIS A 233 1.54 20.40 7.92
CA HIS A 233 1.84 20.50 6.48
C HIS A 233 2.37 19.19 5.91
N LEU A 234 1.96 18.88 4.66
CA LEU A 234 2.56 17.79 3.89
C LEU A 234 3.62 18.30 2.92
N LEU A 235 4.75 17.60 2.87
CA LEU A 235 5.82 17.93 1.92
C LEU A 235 6.28 16.65 1.21
N PRO A 236 6.85 16.80 0.00
CA PRO A 236 7.48 15.64 -0.61
C PRO A 236 8.50 14.98 0.32
N MET A 237 8.53 13.67 0.32
CA MET A 237 9.43 12.88 1.20
C MET A 237 10.90 13.32 1.08
N MET A 238 11.33 13.70 -0.14
CA MET A 238 12.68 14.22 -0.39
C MET A 238 13.06 15.47 0.39
N GLN A 239 12.08 16.26 0.84
CA GLN A 239 12.34 17.46 1.63
C GLN A 239 12.42 17.20 3.14
N ILE A 240 12.18 15.96 3.59
CA ILE A 240 12.19 15.67 5.03
C ILE A 240 13.63 15.36 5.50
N ASN A 241 14.38 16.45 5.67
CA ASN A 241 15.78 16.45 6.12
C ASN A 241 16.07 17.85 6.67
N PHE A 242 17.18 18.03 7.39
CA PHE A 242 17.40 19.30 8.09
C PHE A 242 17.42 20.50 7.13
N LYS A 243 18.11 20.36 6.00
CA LYS A 243 18.16 21.42 4.98
C LYS A 243 16.78 21.80 4.45
N GLY A 244 16.04 20.79 4.01
CA GLY A 244 14.70 20.99 3.45
C GLY A 244 13.72 21.61 4.42
N LEU A 245 13.80 21.20 5.68
CA LEU A 245 12.90 21.68 6.72
C LEU A 245 13.25 23.11 7.18
N GLN A 246 14.53 23.42 7.29
CA GLN A 246 15.01 24.81 7.51
C GLN A 246 14.47 25.76 6.45
N SER A 247 14.57 25.34 5.19
CA SER A 247 14.07 26.11 4.06
C SER A 247 12.57 26.34 4.16
N HIS A 248 11.82 25.28 4.49
CA HIS A 248 10.38 25.42 4.67
C HIS A 248 9.97 26.36 5.82
N LEU A 249 10.68 26.30 6.94
CA LEU A 249 10.40 27.16 8.09
C LEU A 249 10.56 28.65 7.73
N LYS A 250 11.56 28.97 6.93
CA LYS A 250 11.76 30.34 6.43
C LYS A 250 10.54 30.88 5.66
N LYS A 251 9.90 30.01 4.87
CA LYS A 251 8.74 30.41 4.07
C LYS A 251 7.47 30.69 4.88
N CYS A 252 7.45 30.34 6.17
CA CYS A 252 6.23 30.46 6.98
C CYS A 252 6.05 31.83 7.66
N GLY A 253 6.95 32.78 7.36
CA GLY A 253 6.79 34.18 7.76
C GLY A 253 6.79 34.45 9.26
N GLY A 254 7.68 33.77 9.98
CA GLY A 254 7.81 33.95 11.44
C GLY A 254 6.63 33.51 12.28
N LYS A 255 5.80 32.60 11.74
CA LYS A 255 4.64 32.07 12.45
C LYS A 255 5.08 30.97 13.42
N TYR A 256 6.18 30.27 13.07
CA TYR A 256 6.65 29.13 13.84
C TYR A 256 8.11 29.26 14.21
N ASN A 257 8.49 28.58 15.29
CA ASN A 257 9.90 28.62 15.80
C ASN A 257 10.50 27.22 16.09
N GLN A 258 9.79 26.19 15.63
CA GLN A 258 10.16 24.79 15.84
C GLN A 258 9.43 23.92 14.78
N ILE A 259 10.07 22.86 14.29
CA ILE A 259 9.43 21.83 13.44
C ILE A 259 9.60 20.46 14.08
N LEU A 260 8.48 19.73 14.13
CA LEU A 260 8.42 18.31 14.42
C LEU A 260 7.99 17.61 13.12
N ALA A 261 8.83 16.70 12.60
CA ALA A 261 8.57 16.03 11.32
C ALA A 261 8.51 14.50 11.46
N PHE A 262 7.66 13.89 10.63
CA PHE A 262 7.49 12.44 10.53
C PHE A 262 7.81 11.94 9.12
N ARG A 263 8.61 10.88 9.04
CA ARG A 263 8.96 10.16 7.81
C ARG A 263 8.40 8.77 7.96
N PRO A 264 7.21 8.51 7.40
CA PRO A 264 6.76 7.15 7.42
C PRO A 264 7.66 6.35 6.46
N THR A 265 8.18 5.25 6.97
CA THR A 265 8.95 4.30 6.19
C THR A 265 8.23 2.96 6.19
N GLY A 266 8.79 1.99 5.46
CA GLY A 266 8.49 0.59 5.73
C GLY A 266 9.36 0.10 6.88
N TRP A 267 9.65 -1.19 6.89
CA TRP A 267 10.66 -1.76 7.78
C TRP A 267 12.02 -1.08 7.59
N THR A 268 12.73 -0.86 8.69
CA THR A 268 14.16 -0.53 8.67
C THR A 268 14.88 -1.43 9.71
N HIS A 269 16.19 -1.59 9.56
CA HIS A 269 16.99 -2.38 10.54
C HIS A 269 16.87 -1.96 12.02
N SER A 270 16.55 -0.70 12.31
CA SER A 270 16.26 -0.32 13.72
C SER A 270 15.04 -1.04 14.35
N ASN A 271 14.20 -1.69 13.53
CA ASN A 271 13.13 -2.60 14.05
C ASN A 271 13.68 -3.85 14.75
N LYS A 272 14.86 -4.32 14.32
CA LYS A 272 15.51 -5.48 14.92
C LYS A 272 16.09 -5.24 16.32
N PHE A 273 16.24 -3.97 16.71
CA PHE A 273 16.74 -3.59 18.04
C PHE A 273 15.69 -2.92 18.93
N THR A 274 15.04 -1.89 18.41
CA THR A 274 14.20 -0.99 19.22
C THR A 274 12.71 -1.35 19.19
N ARG A 275 12.00 -0.94 20.24
CA ARG A 275 10.52 -1.00 20.33
C ARG A 275 9.93 0.37 19.98
N ILE A 276 8.69 0.36 19.48
CA ILE A 276 8.02 1.60 19.04
C ILE A 276 7.96 2.65 20.15
N ALA A 277 7.66 2.21 21.38
CA ALA A 277 7.65 3.09 22.55
C ALA A 277 8.99 3.79 22.81
N ASP A 278 10.10 3.11 22.50
CA ASP A 278 11.46 3.62 22.76
C ASP A 278 12.04 4.46 21.61
N VAL A 279 11.29 4.67 20.52
CA VAL A 279 11.81 5.39 19.34
C VAL A 279 12.12 6.87 19.64
N ILE A 280 13.28 7.31 19.19
CA ILE A 280 13.75 8.68 19.37
C ILE A 280 14.03 9.35 18.02
N PRO A 281 13.97 10.69 18.00
CA PRO A 281 14.20 11.39 16.74
C PRO A 281 15.66 11.72 16.48
N GLN A 282 15.93 12.14 15.23
CA GLN A 282 17.16 12.87 14.88
C GLN A 282 16.89 14.35 15.07
N THR A 283 17.80 15.06 15.75
CA THR A 283 17.59 16.46 16.12
C THR A 283 18.80 17.34 15.75
N LYS A 284 18.48 18.49 15.15
CA LYS A 284 19.45 19.58 14.93
C LYS A 284 18.78 20.92 15.25
N GLY A 285 19.22 21.58 16.32
CA GLY A 285 18.61 22.83 16.77
C GLY A 285 17.11 22.70 17.03
N ASN A 286 16.32 23.54 16.38
CA ASN A 286 14.85 23.57 16.55
C ASN A 286 14.06 22.62 15.60
N ILE A 287 14.74 21.61 15.03
CA ILE A 287 14.14 20.62 14.12
C ILE A 287 14.38 19.21 14.64
N SER A 288 13.31 18.41 14.70
CA SER A 288 13.37 17.00 15.06
C SER A 288 12.61 16.17 14.02
N ILE A 289 13.20 15.03 13.63
CA ILE A 289 12.66 14.11 12.61
C ILE A 289 12.52 12.68 13.17
N TYR A 290 11.29 12.16 13.18
CA TYR A 290 10.97 10.79 13.58
C TYR A 290 10.74 9.90 12.35
N GLY A 291 11.46 8.78 12.28
CA GLY A 291 11.15 7.71 11.34
C GLY A 291 10.19 6.76 12.04
N ILE A 292 8.99 6.55 11.46
CA ILE A 292 8.03 5.63 12.07
C ILE A 292 7.68 4.45 11.12
N PRO A 293 7.67 3.22 11.65
CA PRO A 293 7.51 2.03 10.81
C PRO A 293 6.05 1.68 10.54
N TYR A 294 5.42 2.49 9.70
CA TYR A 294 4.03 2.31 9.30
C TYR A 294 3.99 1.46 8.02
N SER A 295 3.70 0.16 8.14
CA SER A 295 3.69 -0.74 6.98
C SER A 295 2.31 -0.94 6.39
N GLU A 296 2.25 -0.90 5.04
CA GLU A 296 1.07 -1.37 4.29
C GLU A 296 1.33 -2.71 3.55
N HIS A 297 2.35 -3.46 4.02
CA HIS A 297 2.58 -4.85 3.56
C HIS A 297 2.57 -5.81 4.78
N SER A 298 2.24 -7.08 4.52
CA SER A 298 2.22 -8.11 5.58
C SER A 298 3.58 -8.20 6.30
N SER A 299 3.58 -8.32 7.63
CA SER A 299 4.76 -8.85 8.33
C SER A 299 4.97 -10.34 7.95
N TYR A 300 6.13 -10.91 8.28
CA TYR A 300 6.33 -12.35 8.06
C TYR A 300 5.23 -13.17 8.74
N LEU A 301 4.95 -12.85 10.01
CA LEU A 301 3.95 -13.63 10.78
C LEU A 301 2.52 -13.51 10.21
N GLU A 302 2.13 -12.30 9.78
CA GLU A 302 0.81 -12.08 9.16
C GLU A 302 0.67 -12.88 7.85
N MET A 303 1.73 -12.86 7.03
CA MET A 303 1.77 -13.59 5.76
C MET A 303 1.64 -15.10 5.99
N LYS A 304 2.45 -15.62 6.95
CA LYS A 304 2.44 -17.04 7.28
C LYS A 304 1.03 -17.50 7.72
N ARG A 305 0.40 -16.71 8.62
CA ARG A 305 -0.96 -17.06 9.07
C ARG A 305 -1.98 -17.15 7.92
N PHE A 306 -1.98 -16.14 7.08
CA PHE A 306 -2.86 -16.11 5.92
C PHE A 306 -2.70 -17.33 4.99
N VAL A 307 -1.46 -17.65 4.64
CA VAL A 307 -1.18 -18.75 3.71
C VAL A 307 -1.52 -20.10 4.35
N GLN A 308 -1.19 -20.29 5.63
CA GLN A 308 -1.54 -21.54 6.34
C GLN A 308 -3.05 -21.73 6.49
N TRP A 309 -3.80 -20.63 6.56
CA TRP A 309 -5.27 -20.68 6.54
C TRP A 309 -5.83 -21.02 5.15
N LEU A 310 -5.33 -20.33 4.12
CA LEU A 310 -5.81 -20.49 2.73
C LEU A 310 -5.50 -21.88 2.13
N LYS A 311 -4.32 -22.43 2.48
CA LYS A 311 -3.87 -23.75 2.04
C LYS A 311 -3.85 -23.91 0.51
N PRO A 312 -3.19 -22.98 -0.21
CA PRO A 312 -3.11 -23.07 -1.67
C PRO A 312 -2.29 -24.28 -2.15
N GLN A 313 -2.64 -24.84 -3.31
CA GLN A 313 -1.88 -25.95 -3.86
C GLN A 313 -0.52 -25.50 -4.43
N LYS A 314 -0.46 -24.28 -4.99
CA LYS A 314 0.76 -23.71 -5.54
C LYS A 314 0.83 -22.22 -5.17
N ILE A 315 2.05 -21.74 -4.91
CA ILE A 315 2.32 -20.32 -4.63
C ILE A 315 3.31 -19.78 -5.68
N ILE A 316 2.97 -18.63 -6.28
CA ILE A 316 3.83 -17.87 -7.18
C ILE A 316 4.15 -16.50 -6.54
N PRO A 317 5.39 -16.32 -6.03
CA PRO A 317 5.79 -14.99 -5.52
C PRO A 317 5.78 -13.91 -6.60
N THR A 318 5.39 -12.69 -6.22
CA THR A 318 5.41 -11.54 -7.13
C THR A 318 6.40 -10.43 -6.73
N VAL A 319 7.11 -10.61 -5.60
CA VAL A 319 8.13 -9.65 -5.11
C VAL A 319 9.39 -10.42 -4.67
N ASN A 320 10.55 -9.80 -4.86
CA ASN A 320 11.85 -10.44 -4.60
C ASN A 320 12.08 -11.65 -5.51
N VAL A 321 11.69 -11.50 -6.78
CA VAL A 321 11.78 -12.59 -7.74
C VAL A 321 13.08 -12.60 -8.55
N GLY A 322 13.95 -11.64 -8.32
CA GLY A 322 15.09 -11.42 -9.21
C GLY A 322 16.39 -12.13 -8.90
N THR A 323 16.56 -12.71 -7.71
CA THR A 323 17.79 -13.42 -7.31
C THR A 323 17.53 -14.89 -6.95
N TRP A 324 18.48 -15.76 -7.22
CA TRP A 324 18.34 -17.19 -6.85
C TRP A 324 18.24 -17.35 -5.34
N LYS A 325 19.03 -16.56 -4.60
CA LYS A 325 18.99 -16.60 -3.15
C LYS A 325 17.59 -16.26 -2.60
N SER A 326 16.99 -15.17 -3.08
CA SER A 326 15.61 -14.80 -2.66
C SER A 326 14.60 -15.89 -2.98
N ARG A 327 14.70 -16.44 -4.19
N ARG A 327 14.64 -16.45 -4.19
CA ARG A 327 13.79 -17.47 -4.67
CA ARG A 327 13.70 -17.52 -4.56
C ARG A 327 13.87 -18.74 -3.82
C ARG A 327 13.85 -18.74 -3.69
N SER A 328 15.09 -19.18 -3.50
CA SER A 328 15.35 -20.37 -2.67
C SER A 328 14.87 -20.18 -1.22
N THR A 329 15.12 -19.00 -0.68
CA THR A 329 14.69 -18.67 0.69
C THR A 329 13.14 -18.75 0.80
N MET A 330 12.44 -18.13 -0.15
CA MET A 330 10.96 -18.12 -0.13
C MET A 330 10.38 -19.53 -0.27
N GLU A 331 10.92 -20.30 -1.22
N GLU A 331 10.90 -20.32 -1.21
CA GLU A 331 10.50 -21.70 -1.43
CA GLU A 331 10.45 -21.71 -1.37
C GLU A 331 10.70 -22.59 -0.19
C GLU A 331 10.62 -22.53 -0.09
N LYS A 332 11.77 -22.36 0.58
CA LYS A 332 12.00 -23.05 1.86
C LYS A 332 10.96 -22.71 2.94
N TYR A 333 10.59 -21.43 3.05
CA TYR A 333 9.57 -21.05 4.02
C TYR A 333 8.22 -21.65 3.62
N PHE A 334 7.90 -21.63 2.33
CA PHE A 334 6.58 -22.18 1.93
C PHE A 334 6.51 -23.68 2.30
N ARG A 335 7.61 -24.42 2.10
CA ARG A 335 7.63 -25.86 2.49
C ARG A 335 7.50 -26.06 4.00
N GLU A 336 8.19 -25.22 4.80
N GLU A 336 8.17 -25.20 4.78
CA GLU A 336 8.02 -25.29 6.25
CA GLU A 336 8.10 -25.24 6.25
C GLU A 336 6.57 -25.10 6.61
C GLU A 336 6.68 -24.95 6.76
N TRP A 337 5.97 -24.03 6.09
CA TRP A 337 4.58 -23.70 6.47
C TRP A 337 3.63 -24.86 6.14
N LYS A 338 3.87 -25.50 4.99
N LYS A 338 3.82 -25.47 4.97
CA LYS A 338 3.12 -26.67 4.53
CA LYS A 338 2.95 -26.57 4.51
C LYS A 338 3.27 -27.89 5.46
C LYS A 338 3.11 -27.80 5.39
N LEU A 339 4.45 -28.07 6.07
N LEU A 339 4.36 -28.24 5.51
CA LEU A 339 4.70 -29.22 6.96
CA LEU A 339 4.68 -29.40 6.35
C LEU A 339 4.16 -29.01 8.39
C LEU A 339 4.15 -29.17 7.78
N GLU A 340 4.19 -27.76 8.89
N GLU A 340 4.36 -27.96 8.34
CA GLU A 340 3.57 -27.44 10.17
CA GLU A 340 3.92 -27.61 9.71
C GLU A 340 2.04 -27.64 10.13
C GLU A 340 2.40 -27.63 9.90
N ALA A 341 1.40 -27.20 9.04
N ALA A 341 1.66 -27.19 8.88
CA ALA A 341 -0.07 -27.21 8.92
CA ALA A 341 0.19 -27.17 8.92
C ALA A 341 -0.68 -28.42 8.16
C ALA A 341 -0.41 -28.58 8.82
N GLY A 342 0.12 -29.22 7.48
N GLY A 342 0.42 -29.55 8.42
CA GLY A 342 -0.33 -30.51 6.94
CA GLY A 342 0.00 -30.96 8.30
C GLY A 342 -1.11 -30.53 5.63
C GLY A 342 -0.26 -31.39 6.87
N TYR A 343 -1.13 -29.41 4.90
N TYR A 343 0.27 -30.64 5.90
CA TYR A 343 -1.78 -29.35 3.59
CA TYR A 343 0.09 -30.94 4.47
C TYR A 343 -0.81 -29.75 2.46
C TYR A 343 1.41 -31.34 3.86
C1 MLI B . 5.17 0.31 -3.50
C2 MLI B . 4.75 -0.39 -2.23
C3 MLI B . 4.77 -0.42 -4.78
O6 MLI B . 5.55 -0.54 -1.31
O7 MLI B . 3.58 -0.78 -2.15
O8 MLI B . 5.64 -0.55 -5.69
O9 MLI B . 3.58 -0.79 -4.90
NI NI C . 2.06 -0.95 -3.53
N1 9KS D . 1.04 -24.41 0.09
C4 9KS D . -0.44 -25.35 1.79
C5 9KS D . -0.86 -25.47 3.11
C6 9KS D . -0.22 -24.75 4.10
C7 9KS D . 0.85 -23.94 3.79
C8 9KS D . 1.29 -23.82 2.47
C1 9KS D . 3.47 -24.37 0.22
C2 9KS D . 2.22 -24.48 -0.57
O1 9KS D . 2.27 -24.59 -1.79
C3 9KS D . 0.65 -24.57 1.46
O2 9KS D . 2.36 -23.03 2.16
#